data_4WFM
#
_entry.id   4WFM
#
_cell.length_a   176.254
_cell.length_b   194.345
_cell.length_c   82.992
_cell.angle_alpha   90.00
_cell.angle_beta   90.00
_cell.angle_gamma   90.00
#
_symmetry.space_group_name_H-M   'C 2 2 21'
#
loop_
_entity.id
_entity.type
_entity.pdbx_description
1 polymer 'Bacillus subtilis small cytoplasmic RNA (scRNA),RNA'
2 non-polymer 'COBALT HEXAMMINE(III)'
3 non-polymer 'MAGNESIUM ION'
4 water water
#
_entity_poly.entity_id   1
_entity_poly.type   'polyribonucleotide'
_entity_poly.pdbx_seq_one_letter_code
;(GTP)GCCGUGCUAAGCGGGGAGGUAGCGGUGCCCUGUACCUGCAAUCCGCUCUAGCAGGGCCGAAUCCCUUCUCGAGGU
GGUAACAUCGACAGAAGGUGCACGGU(CCC)
;
_entity_poly.pdbx_strand_id   A,B
#